data_3LV0
#
_entry.id   3LV0
#
_cell.length_a   82.060
_cell.length_b   138.600
_cell.length_c   67.240
_cell.angle_alpha   90.00
_cell.angle_beta   90.00
_cell.angle_gamma   90.00
#
_symmetry.space_group_name_H-M   'P 21 21 2'
#
loop_
_entity.id
_entity.type
_entity.pdbx_description
1 polymer 'Extragenic suppressor protein suhB'
2 non-polymer 'MAGNESIUM ION'
3 water water
#
_entity_poly.entity_id   1
_entity_poly.type   'polypeptide(L)'
_entity_poly.pdbx_seq_one_letter_code
;GPGSMPQSAVMNVMVQAAMKAGRSLVRDYGEVQNLQVSLKGPADYVSQADRKAEKIIFNELSKARPKFGFLMEESEEIIG
EDSQHRFIVDPLDGTTNFLHGIPFFAVSIALESQGKIVAGVIYNPINDELFTAERGSGAFFNDRRCRVSARRRLEDCVIA
TGMPHLGRPGHGTYLIELRNVMAEVSGIRRFGTAALDLAYVAAGRTDGFWEDNLQIWDMAAGILMVREAGGFVTDKEGGN
DIFRKKNIIAGNEHIRIKLERALKKGI
;
_entity_poly.pdbx_strand_id   A,B
#
loop_
_chem_comp.id
_chem_comp.type
_chem_comp.name
_chem_comp.formula
MG non-polymer 'MAGNESIUM ION' 'Mg 2'
#
# COMPACT_ATOMS: atom_id res chain seq x y z
N SER A 8 9.93 2.10 29.28
CA SER A 8 9.63 1.29 30.49
C SER A 8 9.98 -0.18 30.27
N ALA A 9 10.03 -0.93 31.37
CA ALA A 9 10.28 -2.36 31.32
C ALA A 9 9.23 -3.02 30.41
N VAL A 10 7.96 -2.66 30.59
CA VAL A 10 6.91 -3.33 29.83
C VAL A 10 6.95 -2.96 28.34
N MET A 11 7.26 -1.70 28.00
CA MET A 11 7.42 -1.30 26.58
CA MET A 11 7.38 -1.37 26.58
C MET A 11 8.59 -2.05 25.96
N ASN A 12 9.70 -2.15 26.69
CA ASN A 12 10.88 -2.90 26.26
CA ASN A 12 10.87 -2.90 26.23
C ASN A 12 10.49 -4.33 25.90
N VAL A 13 9.70 -4.95 26.75
CA VAL A 13 9.28 -6.33 26.52
C VAL A 13 8.37 -6.41 25.28
N MET A 14 7.46 -5.45 25.16
CA MET A 14 6.53 -5.40 24.02
C MET A 14 7.25 -5.20 22.71
N VAL A 15 8.18 -4.24 22.69
CA VAL A 15 9.04 -4.04 21.51
C VAL A 15 9.80 -5.30 21.15
N GLN A 16 10.42 -5.95 22.13
CA GLN A 16 11.19 -7.15 21.80
C GLN A 16 10.29 -8.26 21.30
N ALA A 17 9.10 -8.44 21.88
CA ALA A 17 8.16 -9.44 21.34
C ALA A 17 7.77 -9.14 19.89
N ALA A 18 7.48 -7.86 19.59
CA ALA A 18 6.99 -7.48 18.25
C ALA A 18 8.08 -7.70 17.22
N MET A 19 9.30 -7.34 17.60
CA MET A 19 10.41 -7.49 16.68
C MET A 19 10.81 -8.95 16.43
N LYS A 20 10.79 -9.78 17.45
CA LYS A 20 10.98 -11.22 17.27
C LYS A 20 9.91 -11.84 16.38
N ALA A 21 8.65 -11.47 16.60
CA ALA A 21 7.56 -11.94 15.72
C ALA A 21 7.79 -11.42 14.30
N GLY A 22 8.18 -10.14 14.22
CA GLY A 22 8.46 -9.51 12.93
C GLY A 22 9.53 -10.26 12.15
N ARG A 23 10.60 -10.69 12.82
CA ARG A 23 11.66 -11.51 12.19
C ARG A 23 11.10 -12.85 11.66
N SER A 24 10.26 -13.49 12.45
CA SER A 24 9.56 -14.71 11.99
C SER A 24 8.72 -14.49 10.73
N LEU A 25 7.95 -13.40 10.72
CA LEU A 25 7.11 -13.06 9.59
C LEU A 25 7.95 -12.85 8.34
N VAL A 26 9.07 -12.14 8.46
CA VAL A 26 9.93 -11.90 7.28
C VAL A 26 10.48 -13.21 6.71
N ARG A 27 10.83 -14.14 7.61
CA ARG A 27 11.27 -15.50 7.21
C ARG A 27 10.16 -16.22 6.44
N ASP A 28 8.96 -16.25 7.01
CA ASP A 28 7.79 -16.92 6.38
C ASP A 28 7.35 -16.27 5.06
N TYR A 29 7.55 -14.95 4.97
CA TYR A 29 7.18 -14.15 3.79
C TYR A 29 7.95 -14.62 2.53
N GLY A 30 9.15 -15.18 2.73
CA GLY A 30 9.94 -15.79 1.65
C GLY A 30 9.47 -17.15 1.18
N GLU A 31 8.54 -17.76 1.92
CA GLU A 31 8.05 -19.11 1.59
C GLU A 31 6.55 -19.30 1.85
N VAL A 32 5.75 -18.43 1.25
CA VAL A 32 4.31 -18.40 1.50
C VAL A 32 3.54 -19.66 1.06
N GLN A 33 3.98 -20.29 -0.04
CA GLN A 33 3.28 -21.46 -0.55
C GLN A 33 3.39 -22.69 0.33
N ASN A 34 4.34 -22.68 1.27
CA ASN A 34 4.49 -23.77 2.24
C ASN A 34 3.70 -23.52 3.53
N LEU A 35 2.95 -22.43 3.57
CA LEU A 35 2.13 -22.10 4.74
C LEU A 35 0.73 -22.68 4.57
N GLN A 36 0.26 -23.39 5.60
CA GLN A 36 -1.14 -23.77 5.69
C GLN A 36 -1.97 -22.52 5.90
N VAL A 37 -3.04 -22.40 5.14
CA VAL A 37 -3.90 -21.20 5.11
C VAL A 37 -5.32 -21.68 5.23
N SER A 38 -6.10 -21.07 6.12
CA SER A 38 -7.52 -21.41 6.16
C SER A 38 -8.39 -20.15 6.21
N LEU A 39 -9.66 -20.32 5.83
CA LEU A 39 -10.61 -19.24 5.92
C LEU A 39 -11.29 -19.30 7.26
N LYS A 40 -11.38 -18.15 7.93
CA LYS A 40 -12.14 -18.01 9.15
C LYS A 40 -13.55 -17.51 8.82
N GLY A 41 -13.69 -16.91 7.64
CA GLY A 41 -14.96 -16.37 7.14
C GLY A 41 -14.71 -15.96 5.70
N PRO A 42 -15.77 -15.57 4.96
CA PRO A 42 -15.54 -15.14 3.57
C PRO A 42 -14.39 -14.10 3.51
N ALA A 43 -13.37 -14.37 2.68
CA ALA A 43 -12.20 -13.48 2.49
C ALA A 43 -11.42 -13.14 3.77
N ASP A 44 -11.46 -14.03 4.75
CA ASP A 44 -10.86 -13.72 6.04
C ASP A 44 -9.92 -14.87 6.38
N TYR A 45 -8.62 -14.66 6.15
CA TYR A 45 -7.61 -15.71 6.15
C TYR A 45 -6.78 -15.71 7.42
N VAL A 46 -6.31 -16.89 7.80
CA VAL A 46 -5.27 -17.02 8.81
C VAL A 46 -4.30 -18.05 8.25
N SER A 47 -3.00 -17.84 8.48
CA SER A 47 -2.00 -18.82 8.07
C SER A 47 -1.10 -19.18 9.22
N GLN A 48 -0.25 -20.16 8.94
CA GLN A 48 0.81 -20.57 9.84
C GLN A 48 1.68 -19.41 10.27
N ALA A 49 1.82 -18.40 9.39
CA ALA A 49 2.65 -17.24 9.73
C ALA A 49 2.03 -16.40 10.86
N ASP A 50 0.71 -16.12 10.75
CA ASP A 50 -0.03 -15.50 11.84
C ASP A 50 0.13 -16.29 13.14
N ARG A 51 -0.06 -17.60 13.07
CA ARG A 51 -0.02 -18.40 14.29
CA ARG A 51 -0.02 -18.44 14.26
C ARG A 51 1.35 -18.44 14.92
N LYS A 52 2.40 -18.48 14.12
CA LYS A 52 3.76 -18.53 14.68
C LYS A 52 4.12 -17.17 15.30
N ALA A 53 3.74 -16.10 14.63
CA ALA A 53 3.94 -14.75 15.19
C ALA A 53 3.23 -14.68 16.55
N GLU A 54 2.02 -15.23 16.63
CA GLU A 54 1.26 -15.15 17.86
C GLU A 54 1.93 -15.97 18.97
N LYS A 55 2.42 -17.16 18.61
CA LYS A 55 3.17 -18.04 19.53
CA LYS A 55 3.16 -18.04 19.55
C LYS A 55 4.34 -17.28 20.17
N ILE A 56 5.11 -16.62 19.31
CA ILE A 56 6.32 -15.90 19.70
C ILE A 56 5.97 -14.78 20.66
N ILE A 57 4.92 -14.04 20.34
CA ILE A 57 4.50 -12.94 21.18
C ILE A 57 4.01 -13.44 22.52
N PHE A 58 3.17 -14.48 22.52
CA PHE A 58 2.68 -15.03 23.77
C PHE A 58 3.85 -15.54 24.62
N ASN A 59 4.76 -16.28 24.00
CA ASN A 59 5.89 -16.86 24.73
C ASN A 59 6.76 -15.79 25.38
N GLU A 60 7.00 -14.70 24.65
CA GLU A 60 7.81 -13.58 25.19
C GLU A 60 7.09 -12.77 26.26
N LEU A 61 5.84 -12.36 26.00
CA LEU A 61 5.12 -11.50 26.94
C LEU A 61 4.71 -12.21 28.24
N SER A 62 4.31 -13.46 28.11
CA SER A 62 3.82 -14.17 29.27
CA SER A 62 3.83 -14.25 29.25
C SER A 62 4.96 -14.50 30.24
N LYS A 63 6.16 -14.68 29.69
CA LYS A 63 7.39 -14.90 30.47
C LYS A 63 7.61 -13.65 31.34
N ALA A 64 7.45 -12.49 30.70
CA ALA A 64 7.66 -11.19 31.34
C ALA A 64 6.55 -10.81 32.31
N ARG A 65 5.29 -11.06 31.93
CA ARG A 65 4.15 -10.71 32.79
C ARG A 65 3.17 -11.88 32.93
N PRO A 66 3.53 -12.89 33.74
CA PRO A 66 2.73 -14.13 33.74
C PRO A 66 1.31 -13.99 34.26
N LYS A 67 1.01 -12.88 34.93
CA LYS A 67 -0.33 -12.70 35.50
C LYS A 67 -1.27 -11.93 34.58
N PHE A 68 -0.74 -11.39 33.49
CA PHE A 68 -1.52 -10.54 32.56
C PHE A 68 -2.44 -11.40 31.71
N GLY A 69 -3.60 -10.85 31.35
CA GLY A 69 -4.46 -11.50 30.39
C GLY A 69 -3.89 -11.36 29.00
N PHE A 70 -4.41 -12.17 28.07
CA PHE A 70 -4.09 -12.04 26.63
C PHE A 70 -5.33 -12.08 25.81
N LEU A 71 -5.53 -11.05 25.00
CA LEU A 71 -6.57 -11.09 24.00
C LEU A 71 -5.85 -11.08 22.66
N MET A 72 -5.91 -12.21 21.97
CA MET A 72 -5.11 -12.40 20.76
CA MET A 72 -5.10 -12.43 20.77
C MET A 72 -6.03 -12.79 19.62
N GLU A 73 -5.74 -12.29 18.44
CA GLU A 73 -6.58 -12.59 17.29
C GLU A 73 -6.82 -14.10 17.05
N GLU A 74 -5.76 -14.89 17.12
CA GLU A 74 -5.80 -16.26 16.58
C GLU A 74 -6.00 -17.35 17.62
N SER A 75 -6.32 -16.97 18.84
CA SER A 75 -6.49 -17.98 19.87
C SER A 75 -7.47 -17.52 20.92
N GLU A 76 -7.89 -18.47 21.76
CA GLU A 76 -8.82 -18.12 22.83
C GLU A 76 -8.19 -17.17 23.85
N GLU A 77 -9.01 -16.21 24.28
CA GLU A 77 -8.61 -15.25 25.31
C GLU A 77 -8.17 -15.96 26.59
N ILE A 78 -7.09 -15.44 27.16
CA ILE A 78 -6.58 -15.94 28.43
C ILE A 78 -6.93 -14.90 29.46
N ILE A 79 -7.74 -15.29 30.43
CA ILE A 79 -8.06 -14.40 31.54
C ILE A 79 -6.87 -14.43 32.50
N GLY A 80 -6.26 -13.27 32.71
CA GLY A 80 -5.11 -13.19 33.58
C GLY A 80 -5.50 -13.33 35.04
N GLU A 81 -4.55 -13.73 35.87
CA GLU A 81 -4.80 -13.77 37.30
C GLU A 81 -4.74 -12.33 37.83
N ASP A 82 -3.99 -11.48 37.13
CA ASP A 82 -4.10 -10.04 37.31
C ASP A 82 -5.27 -9.58 36.45
N SER A 83 -6.42 -9.33 37.07
CA SER A 83 -7.64 -8.96 36.34
C SER A 83 -7.57 -7.59 35.65
N GLN A 84 -6.62 -6.75 36.09
CA GLN A 84 -6.59 -5.36 35.62
CA GLN A 84 -6.52 -5.35 35.66
C GLN A 84 -5.68 -5.12 34.40
N HIS A 85 -4.92 -6.13 33.96
CA HIS A 85 -4.01 -5.94 32.79
C HIS A 85 -4.12 -7.02 31.77
N ARG A 86 -4.16 -6.61 30.50
CA ARG A 86 -4.10 -7.60 29.44
C ARG A 86 -3.40 -7.05 28.21
N PHE A 87 -2.68 -7.94 27.55
CA PHE A 87 -2.12 -7.63 26.26
C PHE A 87 -3.15 -7.87 25.20
N ILE A 88 -3.13 -7.04 24.17
CA ILE A 88 -4.08 -7.14 23.09
C ILE A 88 -3.22 -7.25 21.86
N VAL A 89 -3.35 -8.38 21.15
CA VAL A 89 -2.39 -8.75 20.13
C VAL A 89 -3.02 -9.08 18.76
N ASP A 90 -2.56 -8.35 17.73
CA ASP A 90 -2.76 -8.76 16.35
C ASP A 90 -1.37 -9.21 15.85
N PRO A 91 -1.17 -10.52 15.67
CA PRO A 91 0.15 -11.04 15.39
C PRO A 91 0.49 -10.78 13.95
N LEU A 92 -0.53 -10.50 13.12
CA LEU A 92 -0.27 -10.11 11.75
C LEU A 92 -1.44 -9.30 11.24
N ASP A 93 -1.17 -8.01 11.09
CA ASP A 93 -2.08 -7.04 10.54
C ASP A 93 -1.76 -6.96 9.05
N GLY A 94 -2.70 -7.36 8.21
CA GLY A 94 -2.46 -7.47 6.77
C GLY A 94 -2.16 -8.86 6.27
N THR A 95 -2.89 -9.86 6.78
CA THR A 95 -2.70 -11.25 6.35
C THR A 95 -2.91 -11.44 4.85
N THR A 96 -3.97 -10.88 4.30
CA THR A 96 -4.14 -11.00 2.84
C THR A 96 -2.90 -10.42 2.08
N ASN A 97 -2.44 -9.24 2.45
CA ASN A 97 -1.23 -8.69 1.85
C ASN A 97 -0.05 -9.66 1.95
N PHE A 98 0.14 -10.18 3.16
CA PHE A 98 1.30 -11.02 3.46
C PHE A 98 1.27 -12.24 2.52
N LEU A 99 0.11 -12.86 2.40
CA LEU A 99 -0.06 -14.08 1.61
C LEU A 99 0.12 -13.85 0.10
N HIS A 100 -0.09 -12.60 -0.32
CA HIS A 100 0.12 -12.17 -1.69
C HIS A 100 1.52 -11.58 -1.98
N GLY A 101 2.40 -11.52 -0.99
CA GLY A 101 3.72 -10.91 -1.19
C GLY A 101 3.68 -9.40 -1.27
N ILE A 102 2.61 -8.78 -0.76
CA ILE A 102 2.55 -7.34 -0.67
C ILE A 102 3.20 -6.90 0.65
N PRO A 103 4.21 -6.00 0.59
CA PRO A 103 5.02 -5.56 1.79
C PRO A 103 4.41 -4.60 2.78
N PHE A 104 3.10 -4.55 2.89
CA PHE A 104 2.43 -3.67 3.86
CA PHE A 104 2.52 -3.76 3.89
C PHE A 104 1.79 -4.61 4.87
N PHE A 105 2.42 -4.82 6.03
CA PHE A 105 1.77 -5.62 7.08
C PHE A 105 2.57 -5.35 8.35
N ALA A 106 1.99 -5.69 9.52
CA ALA A 106 2.59 -5.28 10.77
C ALA A 106 2.22 -6.26 11.88
N VAL A 107 2.95 -6.14 12.98
CA VAL A 107 2.55 -6.79 14.22
C VAL A 107 2.03 -5.66 15.08
N SER A 108 0.95 -5.89 15.84
CA SER A 108 0.42 -4.84 16.74
C SER A 108 0.25 -5.42 18.13
N ILE A 109 0.83 -4.76 19.14
CA ILE A 109 0.65 -5.22 20.55
C ILE A 109 0.28 -4.00 21.38
N ALA A 110 -0.79 -4.11 22.16
CA ALA A 110 -1.15 -3.02 23.06
C ALA A 110 -1.28 -3.56 24.46
N LEU A 111 -1.12 -2.69 25.43
CA LEU A 111 -1.37 -3.05 26.82
C LEU A 111 -2.55 -2.25 27.33
N GLU A 112 -3.51 -2.97 27.89
CA GLU A 112 -4.70 -2.40 28.48
C GLU A 112 -4.59 -2.53 29.98
N SER A 113 -4.70 -1.39 30.66
CA SER A 113 -4.65 -1.33 32.12
CA SER A 113 -4.65 -1.34 32.12
C SER A 113 -5.91 -0.64 32.64
N GLN A 114 -6.67 -1.36 33.46
CA GLN A 114 -7.90 -0.82 34.05
C GLN A 114 -8.80 -0.23 32.97
N GLY A 115 -9.01 -0.98 31.90
CA GLY A 115 -9.86 -0.54 30.80
C GLY A 115 -9.32 0.53 29.85
N LYS A 116 -8.08 0.99 30.08
CA LYS A 116 -7.50 2.02 29.19
C LYS A 116 -6.25 1.49 28.47
N ILE A 117 -6.08 1.89 27.22
CA ILE A 117 -4.87 1.48 26.50
C ILE A 117 -3.69 2.37 26.93
N VAL A 118 -2.63 1.75 27.44
CA VAL A 118 -1.57 2.54 28.08
C VAL A 118 -0.23 2.41 27.36
N ALA A 119 -0.13 1.44 26.47
CA ALA A 119 1.09 1.28 25.67
C ALA A 119 0.78 0.59 24.37
N GLY A 120 1.48 0.97 23.30
CA GLY A 120 1.20 0.36 22.01
C GLY A 120 2.47 0.25 21.20
N VAL A 121 2.60 -0.86 20.49
CA VAL A 121 3.70 -1.08 19.55
CA VAL A 121 3.69 -1.02 19.53
C VAL A 121 3.13 -1.57 18.23
N ILE A 122 3.58 -0.97 17.13
CA ILE A 122 3.17 -1.42 15.82
C ILE A 122 4.47 -1.54 15.00
N TYR A 123 4.73 -2.72 14.46
CA TYR A 123 6.00 -2.93 13.80
C TYR A 123 5.81 -3.50 12.42
N ASN A 124 6.28 -2.78 11.40
CA ASN A 124 6.30 -3.32 10.05
C ASN A 124 7.70 -3.87 9.81
N PRO A 125 7.84 -5.21 9.76
CA PRO A 125 9.19 -5.75 9.75
C PRO A 125 9.87 -5.73 8.37
N ILE A 126 9.08 -5.60 7.30
CA ILE A 126 9.62 -5.51 5.94
C ILE A 126 10.45 -4.25 5.81
N ASN A 127 9.88 -3.13 6.26
CA ASN A 127 10.55 -1.84 6.15
C ASN A 127 11.26 -1.44 7.45
N ASP A 128 11.22 -2.33 8.44
CA ASP A 128 11.79 -2.10 9.78
C ASP A 128 11.27 -0.77 10.35
N GLU A 129 9.94 -0.62 10.40
CA GLU A 129 9.32 0.61 10.89
C GLU A 129 8.66 0.31 12.20
N LEU A 130 9.20 0.90 13.26
CA LEU A 130 8.74 0.64 14.63
C LEU A 130 8.04 1.88 15.19
N PHE A 131 6.75 1.74 15.47
CA PHE A 131 5.97 2.84 16.02
C PHE A 131 5.61 2.46 17.44
N THR A 132 5.87 3.37 18.37
CA THR A 132 5.61 3.07 19.77
C THR A 132 4.97 4.25 20.44
N ALA A 133 4.17 3.98 21.48
CA ALA A 133 3.63 5.06 22.30
C ALA A 133 3.28 4.50 23.65
N GLU A 134 3.47 5.33 24.67
CA GLU A 134 2.93 5.05 25.98
C GLU A 134 2.02 6.22 26.40
N ARG A 135 0.99 5.91 27.18
CA ARG A 135 0.04 6.94 27.57
C ARG A 135 0.81 8.09 28.28
N GLY A 136 0.59 9.29 27.75
CA GLY A 136 1.17 10.52 28.30
C GLY A 136 2.51 10.91 27.69
N SER A 137 3.17 9.97 27.01
CA SER A 137 4.56 10.19 26.64
C SER A 137 4.87 10.49 25.16
N GLY A 138 3.84 10.45 24.31
CA GLY A 138 4.02 10.84 22.92
C GLY A 138 4.24 9.64 22.00
N ALA A 139 4.08 9.86 20.70
CA ALA A 139 4.32 8.78 19.72
C ALA A 139 5.74 8.87 19.19
N PHE A 140 6.33 7.70 18.90
CA PHE A 140 7.67 7.59 18.34
C PHE A 140 7.69 6.72 17.10
N PHE A 141 8.50 7.14 16.14
CA PHE A 141 8.79 6.32 14.99
C PHE A 141 10.30 6.08 14.93
N ASN A 142 10.72 4.81 14.98
CA ASN A 142 12.18 4.49 15.03
C ASN A 142 12.98 5.39 15.95
N ASP A 143 12.53 5.50 17.20
CA ASP A 143 13.28 6.23 18.26
C ASP A 143 13.30 7.74 18.11
N ARG A 144 12.48 8.30 17.23
CA ARG A 144 12.36 9.75 17.10
C ARG A 144 10.89 10.07 17.27
N ARG A 145 10.57 11.16 17.94
CA ARG A 145 9.18 11.59 18.09
C ARG A 145 8.56 11.74 16.71
N CYS A 146 7.28 11.42 16.59
CA CYS A 146 6.58 11.61 15.32
C CYS A 146 5.26 12.25 15.69
N ARG A 147 4.56 12.79 14.71
CA ARG A 147 3.34 13.51 15.03
C ARG A 147 2.44 13.52 13.81
N VAL A 148 1.16 13.74 14.03
CA VAL A 148 0.22 13.83 12.94
C VAL A 148 0.55 14.99 12.04
N SER A 149 0.05 14.96 10.83
CA SER A 149 0.34 16.02 9.89
C SER A 149 -0.28 17.36 10.27
N ALA A 150 0.22 18.39 9.62
CA ALA A 150 -0.18 19.78 9.91
C ALA A 150 -1.21 20.27 8.91
N ARG A 151 -1.66 19.40 8.01
CA ARG A 151 -2.59 19.83 6.96
C ARG A 151 -3.95 20.22 7.53
N ARG A 152 -4.51 21.31 6.99
CA ARG A 152 -5.77 21.85 7.50
CA ARG A 152 -5.76 21.90 7.47
C ARG A 152 -6.91 21.77 6.47
N ARG A 153 -6.58 21.57 5.20
CA ARG A 153 -7.56 21.49 4.11
C ARG A 153 -7.57 20.11 3.46
N LEU A 154 -8.75 19.58 3.18
CA LEU A 154 -8.85 18.26 2.52
C LEU A 154 -8.13 18.18 1.17
N GLU A 155 -8.13 19.27 0.41
CA GLU A 155 -7.56 19.29 -0.94
C GLU A 155 -6.06 19.01 -0.95
N ASP A 156 -5.41 19.20 0.19
CA ASP A 156 -4.00 18.89 0.29
C ASP A 156 -3.74 17.47 0.81
N CYS A 157 -4.79 16.73 1.15
CA CYS A 157 -4.62 15.52 1.95
C CYS A 157 -4.58 14.23 1.17
N VAL A 158 -3.93 13.25 1.77
CA VAL A 158 -4.08 11.86 1.39
C VAL A 158 -4.80 11.15 2.52
N ILE A 159 -5.93 10.53 2.21
CA ILE A 159 -6.73 9.86 3.23
C ILE A 159 -6.74 8.35 2.96
N ALA A 160 -6.44 7.59 4.00
CA ALA A 160 -6.45 6.13 3.93
C ALA A 160 -7.81 5.60 4.30
N THR A 161 -8.14 4.46 3.73
CA THR A 161 -9.45 3.92 4.00
C THR A 161 -9.39 2.41 4.09
N GLY A 162 -10.39 1.84 4.76
CA GLY A 162 -10.57 0.40 4.74
C GLY A 162 -11.91 0.10 4.13
N MET A 163 -12.01 -1.00 3.40
CA MET A 163 -13.25 -1.29 2.69
C MET A 163 -13.95 -2.53 3.23
N PRO A 164 -15.28 -2.61 3.02
CA PRO A 164 -15.85 -3.94 3.06
C PRO A 164 -15.54 -4.58 1.70
N HIS A 165 -15.44 -5.89 1.68
CA HIS A 165 -15.45 -6.60 0.40
C HIS A 165 -16.32 -7.82 0.58
N LEU A 166 -16.10 -8.83 -0.27
CA LEU A 166 -16.92 -10.05 -0.38
C LEU A 166 -18.06 -10.26 0.64
N PRO A 169 -21.16 -6.68 3.50
CA PRO A 169 -22.15 -5.80 4.17
C PRO A 169 -21.72 -4.32 4.31
N GLY A 170 -22.64 -3.40 4.01
CA GLY A 170 -22.33 -1.98 4.05
C GLY A 170 -21.64 -1.38 2.84
N HIS A 171 -21.64 -2.09 1.71
CA HIS A 171 -20.93 -1.61 0.50
C HIS A 171 -21.52 -0.29 -0.03
N GLY A 172 -22.84 -0.18 -0.04
CA GLY A 172 -23.48 1.03 -0.56
C GLY A 172 -23.14 2.26 0.26
N THR A 173 -23.24 2.13 1.59
CA THR A 173 -22.92 3.21 2.48
C THR A 173 -21.44 3.57 2.34
N TYR A 174 -20.60 2.55 2.23
CA TYR A 174 -19.16 2.82 2.02
C TYR A 174 -18.92 3.67 0.76
N LEU A 175 -19.60 3.34 -0.32
CA LEU A 175 -19.42 4.04 -1.60
C LEU A 175 -19.88 5.50 -1.54
N ILE A 176 -20.88 5.78 -0.72
CA ILE A 176 -21.26 7.18 -0.45
C ILE A 176 -20.14 7.94 0.27
N GLU A 177 -19.59 7.32 1.30
CA GLU A 177 -18.46 7.90 2.05
C GLU A 177 -17.28 8.15 1.13
N LEU A 178 -16.92 7.12 0.37
CA LEU A 178 -15.80 7.25 -0.57
C LEU A 178 -16.02 8.33 -1.62
N ARG A 179 -17.22 8.39 -2.20
CA ARG A 179 -17.59 9.45 -3.14
C ARG A 179 -17.32 10.83 -2.54
N ASN A 180 -17.78 11.03 -1.30
CA ASN A 180 -17.69 12.33 -0.64
C ASN A 180 -16.24 12.76 -0.34
N VAL A 181 -15.42 11.79 0.07
CA VAL A 181 -14.03 12.10 0.40
C VAL A 181 -13.22 12.25 -0.90
N MET A 182 -13.42 11.35 -1.85
CA MET A 182 -12.68 11.32 -3.12
CA MET A 182 -12.57 11.36 -3.04
C MET A 182 -12.75 12.62 -3.89
N ALA A 183 -13.88 13.30 -3.77
CA ALA A 183 -14.13 14.56 -4.47
C ALA A 183 -13.32 15.72 -3.90
N GLU A 184 -12.79 15.55 -2.69
CA GLU A 184 -12.23 16.67 -1.92
C GLU A 184 -10.70 16.59 -1.72
N VAL A 185 -10.10 15.43 -1.94
CA VAL A 185 -8.72 15.18 -1.50
C VAL A 185 -7.69 15.01 -2.62
N SER A 186 -6.42 15.08 -2.28
CA SER A 186 -5.35 14.85 -3.25
C SER A 186 -5.12 13.35 -3.49
N GLY A 187 -5.64 12.52 -2.60
CA GLY A 187 -5.44 11.10 -2.77
C GLY A 187 -6.19 10.27 -1.78
N ILE A 188 -6.64 9.11 -2.24
CA ILE A 188 -7.15 8.03 -1.38
C ILE A 188 -6.15 6.87 -1.45
N ARG A 189 -5.93 6.21 -0.33
CA ARG A 189 -5.11 5.01 -0.30
C ARG A 189 -5.86 3.89 0.38
N ARG A 190 -5.68 2.69 -0.15
CA ARG A 190 -6.23 1.52 0.52
C ARG A 190 -5.12 0.47 0.57
N PHE A 191 -4.44 0.42 1.70
CA PHE A 191 -3.23 -0.40 1.84
C PHE A 191 -3.49 -1.83 2.24
N GLY A 192 -4.57 -2.07 2.98
CA GLY A 192 -4.93 -3.44 3.37
C GLY A 192 -4.48 -3.79 4.80
N THR A 193 -4.22 -2.77 5.58
N THR A 193 -4.17 -2.76 5.62
CA THR A 193 -3.90 -3.02 6.95
CA THR A 193 -3.56 -2.91 6.98
C THR A 193 -4.87 -2.16 7.69
C THR A 193 -4.04 -1.93 8.04
N ALA A 194 -4.87 -2.35 9.00
CA ALA A 194 -5.56 -1.46 9.92
C ALA A 194 -4.60 -0.79 10.92
N ALA A 195 -3.91 -1.60 11.72
CA ALA A 195 -2.90 -1.08 12.64
C ALA A 195 -1.88 -0.18 11.94
N LEU A 196 -1.33 -0.65 10.84
CA LEU A 196 -0.28 0.10 10.16
C LEU A 196 -0.84 1.41 9.60
N ASP A 197 -2.10 1.39 9.16
CA ASP A 197 -2.75 2.63 8.69
C ASP A 197 -2.84 3.67 9.80
N LEU A 198 -3.23 3.22 10.98
CA LEU A 198 -3.27 4.11 12.13
C LEU A 198 -1.88 4.64 12.47
N ALA A 199 -0.87 3.78 12.41
CA ALA A 199 0.50 4.24 12.63
C ALA A 199 0.89 5.29 11.61
N TYR A 200 0.50 5.07 10.34
CA TYR A 200 0.82 6.07 9.30
C TYR A 200 0.17 7.44 9.57
N VAL A 201 -1.05 7.44 10.10
CA VAL A 201 -1.68 8.71 10.53
C VAL A 201 -0.87 9.33 11.69
N ALA A 202 -0.52 8.51 12.68
CA ALA A 202 0.27 8.97 13.85
C ALA A 202 1.59 9.60 13.44
N ALA A 203 2.21 9.09 12.36
CA ALA A 203 3.53 9.57 11.95
C ALA A 203 3.42 10.63 10.84
N GLY A 204 2.20 11.00 10.48
CA GLY A 204 2.01 12.10 9.54
C GLY A 204 2.17 11.67 8.07
N ARG A 205 2.23 10.35 7.83
CA ARG A 205 2.38 9.83 6.46
C ARG A 205 1.06 9.85 5.66
N THR A 206 -0.06 9.62 6.32
CA THR A 206 -1.35 9.96 5.73
C THR A 206 -1.99 11.01 6.63
N ASP A 207 -3.04 11.66 6.15
CA ASP A 207 -3.61 12.79 6.86
C ASP A 207 -4.87 12.38 7.61
N GLY A 208 -5.33 11.17 7.36
CA GLY A 208 -6.53 10.69 8.05
C GLY A 208 -6.82 9.28 7.62
N PHE A 209 -7.73 8.63 8.35
CA PHE A 209 -8.11 7.24 8.07
C PHE A 209 -9.51 7.03 8.56
N TRP A 210 -10.32 6.24 7.82
CA TRP A 210 -11.60 5.78 8.38
C TRP A 210 -11.87 4.33 7.95
N GLU A 211 -12.59 3.59 8.78
CA GLU A 211 -12.93 2.19 8.49
C GLU A 211 -13.99 1.68 9.45
N ASP A 212 -14.72 0.66 8.98
CA ASP A 212 -15.76 -0.01 9.74
C ASP A 212 -15.38 -1.48 9.97
N ASN A 213 -16.05 -2.12 10.92
CA ASN A 213 -15.95 -3.55 11.18
C ASN A 213 -14.54 -4.00 11.56
N LEU A 214 -13.92 -3.23 12.46
CA LEU A 214 -12.59 -3.57 12.97
C LEU A 214 -12.69 -4.16 14.37
N GLN A 215 -11.76 -5.07 14.70
CA GLN A 215 -11.78 -5.70 16.00
C GLN A 215 -10.87 -4.93 16.96
N ILE A 216 -10.98 -5.24 18.25
CA ILE A 216 -10.14 -4.61 19.27
C ILE A 216 -8.64 -4.67 18.93
N TRP A 217 -8.17 -5.83 18.46
CA TRP A 217 -6.74 -6.01 18.18
C TRP A 217 -6.27 -5.23 16.97
N ASP A 218 -7.19 -4.90 16.06
CA ASP A 218 -6.83 -4.12 14.88
C ASP A 218 -6.47 -2.69 15.29
N MET A 219 -7.17 -2.15 16.28
CA MET A 219 -7.09 -0.71 16.50
C MET A 219 -6.47 -0.29 17.83
N ALA A 220 -6.42 -1.18 18.82
CA ALA A 220 -6.02 -0.74 20.18
C ALA A 220 -4.70 0.06 20.22
N ALA A 221 -3.63 -0.50 19.66
CA ALA A 221 -2.32 0.18 19.67
C ALA A 221 -2.36 1.44 18.82
N GLY A 222 -3.02 1.34 17.66
CA GLY A 222 -3.08 2.47 16.74
C GLY A 222 -3.85 3.69 17.24
N ILE A 223 -4.92 3.47 17.98
CA ILE A 223 -5.70 4.59 18.60
C ILE A 223 -4.83 5.38 19.57
N LEU A 224 -4.14 4.66 20.44
CA LEU A 224 -3.17 5.32 21.32
C LEU A 224 -2.09 6.07 20.54
N MET A 225 -1.55 5.45 19.51
CA MET A 225 -0.49 6.05 18.68
CA MET A 225 -0.50 6.12 18.76
C MET A 225 -0.93 7.44 18.17
N VAL A 226 -2.08 7.46 17.50
CA VAL A 226 -2.61 8.72 16.92
C VAL A 226 -2.86 9.78 18.01
N ARG A 227 -3.47 9.37 19.11
CA ARG A 227 -3.71 10.32 20.21
C ARG A 227 -2.43 10.88 20.82
N GLU A 228 -1.43 10.03 20.99
CA GLU A 228 -0.16 10.47 21.57
C GLU A 228 0.63 11.34 20.59
N ALA A 229 0.31 11.19 19.31
CA ALA A 229 0.95 11.97 18.23
C ALA A 229 0.26 13.31 17.99
N GLY A 230 -0.66 13.68 18.87
CA GLY A 230 -1.33 14.98 18.84
C GLY A 230 -2.60 14.96 17.99
N GLY A 231 -3.00 13.78 17.57
CA GLY A 231 -4.19 13.65 16.76
C GLY A 231 -5.42 13.20 17.55
N PHE A 232 -6.51 12.93 16.83
CA PHE A 232 -7.78 12.58 17.45
C PHE A 232 -8.42 11.39 16.77
N VAL A 233 -9.09 10.58 17.58
CA VAL A 233 -9.71 9.35 17.10
C VAL A 233 -11.11 9.27 17.68
N THR A 234 -12.09 9.10 16.82
CA THR A 234 -13.46 8.95 17.25
C THR A 234 -14.05 7.74 16.53
N ASP A 235 -15.20 7.28 16.98
CA ASP A 235 -16.04 6.44 16.14
C ASP A 235 -16.61 7.32 15.01
N LYS A 236 -17.35 6.71 14.10
CA LYS A 236 -17.86 7.44 12.94
C LYS A 236 -18.86 8.55 13.26
N GLU A 237 -19.45 8.51 14.45
CA GLU A 237 -20.40 9.55 14.90
C GLU A 237 -19.71 10.65 15.69
N GLY A 238 -18.39 10.57 15.84
CA GLY A 238 -17.65 11.60 16.56
C GLY A 238 -17.54 11.38 18.05
N GLY A 239 -18.00 10.22 18.54
CA GLY A 239 -17.90 9.87 19.96
C GLY A 239 -16.74 8.95 20.28
N ASN A 240 -16.72 8.42 21.51
CA ASN A 240 -15.63 7.52 21.92
C ASN A 240 -16.06 6.06 22.11
N ASP A 241 -17.04 5.61 21.34
CA ASP A 241 -17.53 4.23 21.44
C ASP A 241 -16.91 3.34 20.36
N ILE A 242 -15.59 3.42 20.21
CA ILE A 242 -14.89 2.77 19.11
C ILE A 242 -14.90 1.23 19.12
N PHE A 243 -14.55 0.61 20.25
CA PHE A 243 -14.48 -0.86 20.32
C PHE A 243 -15.86 -1.52 20.17
N ARG A 244 -16.88 -0.91 20.77
CA ARG A 244 -18.26 -1.37 20.64
C ARG A 244 -18.79 -1.17 19.22
N LYS A 245 -18.66 0.06 18.68
CA LYS A 245 -19.16 0.38 17.33
C LYS A 245 -18.31 -0.24 16.21
N LYS A 246 -17.08 -0.62 16.54
CA LYS A 246 -16.13 -1.25 15.63
C LYS A 246 -15.78 -0.37 14.42
N ASN A 247 -15.92 0.94 14.57
CA ASN A 247 -15.56 1.88 13.50
C ASN A 247 -14.72 3.07 14.00
N ILE A 248 -14.16 3.83 13.07
CA ILE A 248 -13.12 4.76 13.46
C ILE A 248 -12.90 5.87 12.44
N ILE A 249 -12.65 7.07 12.93
CA ILE A 249 -12.10 8.15 12.13
C ILE A 249 -10.89 8.67 12.91
N ALA A 250 -9.74 8.78 12.24
CA ALA A 250 -8.51 9.25 12.88
C ALA A 250 -7.86 10.33 12.02
N GLY A 251 -7.35 11.37 12.68
CA GLY A 251 -6.63 12.42 11.98
C GLY A 251 -6.25 13.53 12.92
N ASN A 252 -5.56 14.53 12.39
CA ASN A 252 -5.36 15.74 13.19
C ASN A 252 -6.70 16.41 13.46
N GLU A 253 -6.74 17.38 14.38
CA GLU A 253 -8.05 17.91 14.78
C GLU A 253 -8.88 18.43 13.61
N HIS A 254 -8.22 19.13 12.69
CA HIS A 254 -8.90 19.73 11.55
C HIS A 254 -9.41 18.70 10.57
N ILE A 255 -8.53 17.77 10.21
CA ILE A 255 -8.87 16.79 9.20
C ILE A 255 -9.88 15.78 9.74
N ARG A 256 -9.76 15.40 11.01
CA ARG A 256 -10.72 14.41 11.54
C ARG A 256 -12.16 14.95 11.49
N ILE A 257 -12.35 16.21 11.88
CA ILE A 257 -13.72 16.80 11.82
C ILE A 257 -14.23 16.98 10.39
N LYS A 258 -13.37 17.41 9.47
CA LYS A 258 -13.79 17.53 8.07
C LYS A 258 -14.13 16.17 7.44
N LEU A 259 -13.38 15.12 7.81
CA LEU A 259 -13.73 13.74 7.45
C LEU A 259 -15.06 13.29 8.00
N GLU A 260 -15.29 13.53 9.29
CA GLU A 260 -16.56 13.17 9.90
C GLU A 260 -17.73 13.82 9.13
N ARG A 261 -17.57 15.10 8.78
CA ARG A 261 -18.60 15.81 7.99
C ARG A 261 -18.76 15.24 6.57
N ALA A 262 -17.63 14.98 5.91
CA ALA A 262 -17.68 14.42 4.57
C ALA A 262 -18.34 13.04 4.55
N LEU A 263 -18.05 12.20 5.55
CA LEU A 263 -18.63 10.83 5.66
C LEU A 263 -20.14 10.78 5.84
N LYS A 264 -20.71 11.84 6.39
CA LYS A 264 -22.14 11.84 6.69
C LYS A 264 -22.97 12.47 5.57
N LYS A 265 -22.33 13.18 4.64
CA LYS A 265 -23.06 13.88 3.57
C LYS A 265 -23.90 12.90 2.74
N GLY A 266 -25.21 13.12 2.68
CA GLY A 266 -26.06 12.29 1.82
C GLY A 266 -26.56 10.98 2.43
N ILE A 267 -26.04 10.61 3.60
CA ILE A 267 -26.58 9.47 4.35
C ILE A 267 -28.00 9.74 4.82
N SER B 8 20.51 -8.26 -22.41
CA SER B 8 21.18 -7.41 -23.42
C SER B 8 21.96 -6.26 -22.79
N ALA B 9 22.83 -5.65 -23.58
CA ALA B 9 23.54 -4.44 -23.20
C ALA B 9 22.60 -3.28 -22.88
N VAL B 10 21.56 -3.08 -23.70
CA VAL B 10 20.62 -1.99 -23.46
C VAL B 10 19.82 -2.20 -22.15
N MET B 11 19.37 -3.43 -21.89
CA MET B 11 18.72 -3.74 -20.59
C MET B 11 19.66 -3.41 -19.43
N ASN B 12 20.94 -3.75 -19.56
CA ASN B 12 21.92 -3.47 -18.50
CA ASN B 12 21.91 -3.47 -18.49
C ASN B 12 22.01 -1.98 -18.20
N VAL B 13 22.05 -1.19 -19.26
CA VAL B 13 22.15 0.26 -19.17
C VAL B 13 20.86 0.83 -18.52
N MET B 14 19.71 0.32 -18.96
CA MET B 14 18.43 0.72 -18.32
C MET B 14 18.37 0.37 -16.84
N VAL B 15 18.76 -0.86 -16.52
CA VAL B 15 18.80 -1.28 -15.13
C VAL B 15 19.71 -0.36 -14.31
N GLN B 16 20.93 -0.11 -14.81
CA GLN B 16 21.85 0.75 -14.05
C GLN B 16 21.32 2.19 -13.86
N ALA B 17 20.72 2.76 -14.90
CA ALA B 17 20.08 4.08 -14.78
C ALA B 17 18.96 4.06 -13.72
N ALA B 18 18.12 3.01 -13.73
CA ALA B 18 17.01 2.98 -12.79
C ALA B 18 17.53 2.85 -11.39
N MET B 19 18.58 2.03 -11.21
CA MET B 19 19.07 1.84 -9.84
C MET B 19 19.81 3.06 -9.31
N LYS B 20 20.53 3.76 -10.17
CA LYS B 20 21.15 5.02 -9.77
C LYS B 20 20.12 6.06 -9.40
N ALA B 21 19.09 6.21 -10.21
CA ALA B 21 17.99 7.13 -9.88
C ALA B 21 17.29 6.69 -8.60
N GLY B 22 17.11 5.37 -8.44
CA GLY B 22 16.47 4.84 -7.24
C GLY B 22 17.25 5.15 -5.97
N ARG B 23 18.57 5.06 -6.02
CA ARG B 23 19.42 5.39 -4.87
C ARG B 23 19.32 6.87 -4.48
N SER B 24 19.23 7.74 -5.49
CA SER B 24 18.99 9.18 -5.29
C SER B 24 17.64 9.39 -4.61
N LEU B 25 16.62 8.67 -5.06
CA LEU B 25 15.29 8.80 -4.44
C LEU B 25 15.34 8.35 -2.98
N VAL B 26 16.08 7.27 -2.70
CA VAL B 26 16.21 6.76 -1.31
C VAL B 26 16.94 7.74 -0.42
N ARG B 27 17.98 8.39 -0.94
CA ARG B 27 18.65 9.46 -0.19
C ARG B 27 17.69 10.62 0.09
N ASP B 28 16.91 11.04 -0.92
CA ASP B 28 15.97 12.16 -0.75
C ASP B 28 14.80 11.78 0.14
N TYR B 29 14.42 10.51 0.15
CA TYR B 29 13.33 10.05 0.97
C TYR B 29 13.62 10.13 2.49
N GLY B 30 14.84 9.77 2.88
CA GLY B 30 15.23 9.73 4.29
C GLY B 30 15.75 11.05 4.82
N LEU B 35 12.80 19.79 -0.16
CA LEU B 35 12.26 19.51 -1.46
C LEU B 35 11.28 20.59 -1.88
N GLN B 36 11.57 21.13 -3.05
CA GLN B 36 10.88 22.22 -3.69
C GLN B 36 9.68 21.68 -4.46
N VAL B 37 8.55 21.55 -3.78
CA VAL B 37 7.39 20.93 -4.37
C VAL B 37 6.58 21.97 -5.15
N SER B 38 6.10 21.58 -6.32
CA SER B 38 5.15 22.44 -7.01
C SER B 38 3.99 21.65 -7.61
N LEU B 39 2.89 22.37 -7.89
CA LEU B 39 1.72 21.80 -8.51
C LEU B 39 1.78 22.00 -10.00
N LYS B 40 1.67 20.91 -10.75
CA LYS B 40 1.59 20.95 -12.21
C LYS B 40 0.14 21.05 -12.66
N GLY B 41 -0.75 20.61 -11.77
CA GLY B 41 -2.19 20.67 -11.99
C GLY B 41 -2.85 20.24 -10.69
N PRO B 42 -4.19 20.25 -10.64
CA PRO B 42 -4.80 19.95 -9.33
C PRO B 42 -4.41 18.55 -8.81
N ALA B 43 -3.96 18.51 -7.56
CA ALA B 43 -3.47 17.26 -6.94
C ALA B 43 -2.37 16.54 -7.75
N ASP B 44 -1.58 17.30 -8.51
CA ASP B 44 -0.57 16.74 -9.41
C ASP B 44 0.78 17.39 -9.10
N TYR B 45 1.65 16.63 -8.42
CA TYR B 45 2.85 17.21 -7.82
C TYR B 45 4.11 16.83 -8.57
N VAL B 46 5.08 17.73 -8.48
CA VAL B 46 6.45 17.44 -8.87
C VAL B 46 7.39 18.03 -7.81
N SER B 47 8.49 17.32 -7.55
CA SER B 47 9.46 17.82 -6.56
C SER B 47 10.86 17.71 -7.09
N GLN B 48 11.79 18.27 -6.32
CA GLN B 48 13.21 18.11 -6.57
C GLN B 48 13.62 16.64 -6.75
N ALA B 49 12.96 15.73 -6.01
CA ALA B 49 13.30 14.30 -6.10
C ALA B 49 13.02 13.76 -7.52
N ASP B 50 11.86 14.09 -8.08
CA ASP B 50 11.52 13.68 -9.46
C ASP B 50 12.55 14.24 -10.44
N ARG B 51 12.88 15.52 -10.27
CA ARG B 51 13.74 16.22 -11.20
C ARG B 51 15.15 15.65 -11.20
N LYS B 52 15.66 15.38 -10.00
CA LYS B 52 17.00 14.79 -9.87
C LYS B 52 17.03 13.36 -10.44
N ALA B 53 16.02 12.57 -10.11
CA ALA B 53 15.91 11.24 -10.73
C ALA B 53 15.91 11.29 -12.27
N GLU B 54 15.18 12.24 -12.84
CA GLU B 54 15.08 12.30 -14.27
C GLU B 54 16.41 12.75 -14.89
N LYS B 55 17.10 13.69 -14.25
CA LYS B 55 18.43 14.12 -14.72
C LYS B 55 19.35 12.91 -14.77
N ILE B 56 19.36 12.14 -13.68
CA ILE B 56 20.25 10.99 -13.56
C ILE B 56 19.96 10.02 -14.68
N ILE B 57 18.68 9.76 -14.92
CA ILE B 57 18.28 8.76 -15.92
C ILE B 57 18.64 9.27 -17.31
N PHE B 58 18.33 10.54 -17.57
CA PHE B 58 18.69 11.11 -18.87
C PHE B 58 20.21 11.04 -19.13
N ASN B 59 20.98 11.47 -18.13
CA ASN B 59 22.44 11.51 -18.25
C ASN B 59 23.04 10.11 -18.44
N GLU B 60 22.55 9.15 -17.66
CA GLU B 60 23.07 7.78 -17.73
C GLU B 60 22.72 7.06 -19.05
N LEU B 61 21.45 7.13 -19.45
CA LEU B 61 21.00 6.54 -20.72
C LEU B 61 21.67 7.21 -21.92
N SER B 62 21.82 8.52 -21.87
CA SER B 62 22.53 9.30 -22.92
C SER B 62 23.98 8.87 -23.14
N LYS B 63 24.66 8.52 -22.06
CA LYS B 63 26.07 8.11 -22.15
C LYS B 63 26.18 6.82 -22.95
N ALA B 64 25.19 5.95 -22.81
CA ALA B 64 25.20 4.65 -23.48
C ALA B 64 24.51 4.64 -24.86
N ARG B 65 23.43 5.39 -25.01
CA ARG B 65 22.70 5.40 -26.29
C ARG B 65 22.38 6.83 -26.68
N PRO B 66 23.41 7.61 -27.06
CA PRO B 66 23.18 9.01 -27.36
C PRO B 66 22.26 9.24 -28.57
N LYS B 67 22.09 8.22 -29.42
CA LYS B 67 21.25 8.37 -30.61
C LYS B 67 19.75 8.28 -30.35
N PHE B 68 19.37 7.81 -29.15
CA PHE B 68 17.98 7.51 -28.86
C PHE B 68 17.20 8.76 -28.49
N GLY B 69 15.89 8.73 -28.75
CA GLY B 69 14.97 9.76 -28.25
C GLY B 69 14.62 9.56 -26.79
N PHE B 70 13.99 10.58 -26.19
CA PHE B 70 13.54 10.56 -24.79
C PHE B 70 12.15 11.19 -24.58
N LEU B 71 11.22 10.39 -24.05
CA LEU B 71 9.94 10.92 -23.63
C LEU B 71 9.91 10.73 -22.14
N MET B 72 9.93 11.85 -21.42
CA MET B 72 10.10 11.88 -19.97
CA MET B 72 10.10 11.85 -19.97
C MET B 72 9.00 12.67 -19.32
N GLU B 73 8.52 12.21 -18.17
CA GLU B 73 7.37 12.86 -17.55
C GLU B 73 7.62 14.35 -17.29
N GLU B 74 8.81 14.67 -16.80
CA GLU B 74 9.04 16.02 -16.28
C GLU B 74 9.70 17.02 -17.23
N SER B 75 9.87 16.67 -18.49
CA SER B 75 10.51 17.61 -19.41
C SER B 75 10.06 17.36 -20.82
N GLU B 76 10.33 18.33 -21.70
CA GLU B 76 9.91 18.22 -23.09
C GLU B 76 10.59 17.06 -23.81
N GLU B 77 9.84 16.42 -24.73
CA GLU B 77 10.37 15.31 -25.50
C GLU B 77 11.60 15.68 -26.33
N ILE B 78 12.58 14.78 -26.30
CA ILE B 78 13.79 14.89 -27.12
C ILE B 78 13.74 13.90 -28.28
N ILE B 79 13.87 14.41 -29.51
CA ILE B 79 13.93 13.55 -30.68
C ILE B 79 15.34 13.00 -30.87
N GLY B 80 15.42 11.69 -31.07
CA GLY B 80 16.71 11.03 -31.31
C GLY B 80 17.16 11.09 -32.77
N GLU B 81 18.49 11.00 -32.95
CA GLU B 81 19.15 10.83 -34.23
C GLU B 81 18.71 9.51 -34.86
N ASP B 82 18.62 8.48 -34.03
CA ASP B 82 18.03 7.20 -34.44
C ASP B 82 16.52 7.36 -34.23
N SER B 83 15.83 7.54 -35.34
CA SER B 83 14.38 7.76 -35.33
C SER B 83 13.59 6.52 -34.89
N GLN B 84 14.25 5.37 -34.82
CA GLN B 84 13.53 4.13 -34.51
C GLN B 84 13.38 3.87 -33.02
N HIS B 85 14.22 4.52 -32.18
CA HIS B 85 14.26 4.17 -30.74
C HIS B 85 14.09 5.35 -29.79
N ARG B 86 13.28 5.18 -28.74
CA ARG B 86 13.21 6.17 -27.66
C ARG B 86 12.96 5.52 -26.33
N PHE B 87 13.60 6.09 -25.32
CA PHE B 87 13.32 5.74 -23.94
C PHE B 87 12.11 6.49 -23.44
N ILE B 88 11.30 5.82 -22.62
CA ILE B 88 10.09 6.42 -22.05
C ILE B 88 10.27 6.32 -20.55
N VAL B 89 10.26 7.47 -19.90
CA VAL B 89 10.74 7.55 -18.54
C VAL B 89 9.76 8.18 -17.57
N ASP B 90 9.44 7.41 -16.52
CA ASP B 90 8.81 7.98 -15.35
C ASP B 90 9.85 7.97 -14.24
N PRO B 91 10.41 9.15 -13.89
CA PRO B 91 11.52 9.18 -12.96
C PRO B 91 11.07 8.90 -11.52
N LEU B 92 9.78 9.06 -11.27
CA LEU B 92 9.20 8.77 -9.96
C LEU B 92 7.71 8.50 -10.12
N ASP B 93 7.37 7.22 -10.05
CA ASP B 93 5.98 6.76 -10.10
C ASP B 93 5.57 6.71 -8.63
N GLY B 94 4.59 7.53 -8.26
CA GLY B 94 4.17 7.61 -6.83
C GLY B 94 4.74 8.86 -6.16
N THR B 95 4.74 9.98 -6.89
CA THR B 95 5.22 11.24 -6.31
C THR B 95 4.49 11.64 -5.01
N THR B 96 3.17 11.60 -5.01
CA THR B 96 2.40 11.94 -3.80
C THR B 96 2.80 11.01 -2.65
N ASN B 97 2.89 9.70 -2.90
CA ASN B 97 3.39 8.78 -1.88
C ASN B 97 4.74 9.22 -1.32
N PHE B 98 5.66 9.49 -2.21
CA PHE B 98 7.03 9.92 -1.85
C PHE B 98 7.02 11.13 -0.93
N LEU B 99 6.26 12.14 -1.33
CA LEU B 99 6.14 13.38 -0.56
C LEU B 99 5.49 13.19 0.82
N HIS B 100 4.67 12.15 0.94
CA HIS B 100 4.04 11.80 2.22
C HIS B 100 4.88 10.84 3.05
N GLY B 101 5.99 10.37 2.51
CA GLY B 101 6.83 9.39 3.22
C GLY B 101 6.21 8.00 3.17
N ILE B 102 5.29 7.77 2.23
CA ILE B 102 4.72 6.44 2.02
C ILE B 102 5.70 5.63 1.17
N PRO B 103 6.21 4.54 1.75
CA PRO B 103 7.47 4.01 1.22
C PRO B 103 7.12 3.07 0.14
N PHE B 104 6.44 3.60 -0.89
CA PHE B 104 5.90 2.84 -1.99
C PHE B 104 5.86 3.66 -3.31
N PHE B 105 6.89 3.46 -4.12
CA PHE B 105 7.07 4.30 -5.32
C PHE B 105 8.17 3.65 -6.14
N ALA B 106 8.38 4.13 -7.37
CA ALA B 106 9.25 3.38 -8.27
C ALA B 106 9.80 4.27 -9.37
N VAL B 107 10.86 3.79 -10.01
CA VAL B 107 11.33 4.39 -11.24
C VAL B 107 10.90 3.46 -12.35
N SER B 108 10.45 3.99 -13.49
CA SER B 108 10.02 3.16 -14.61
C SER B 108 10.71 3.64 -15.88
N ILE B 109 11.38 2.74 -16.59
CA ILE B 109 12.02 3.09 -17.88
C ILE B 109 11.62 2.04 -18.90
N ALA B 110 11.12 2.49 -20.06
CA ALA B 110 10.82 1.59 -21.16
C ALA B 110 11.62 2.04 -22.37
N LEU B 111 11.87 1.08 -23.25
CA LEU B 111 12.46 1.34 -24.54
C LEU B 111 11.42 1.01 -25.60
N GLU B 112 11.19 1.99 -26.48
CA GLU B 112 10.27 1.80 -27.58
C GLU B 112 11.10 1.74 -28.85
N SER B 113 10.91 0.65 -29.60
CA SER B 113 11.60 0.47 -30.87
CA SER B 113 11.61 0.43 -30.87
C SER B 113 10.59 0.23 -31.99
N GLN B 114 10.63 1.11 -32.99
CA GLN B 114 9.66 1.09 -34.11
C GLN B 114 8.21 0.99 -33.64
N GLY B 115 7.85 1.87 -32.71
CA GLY B 115 6.49 1.91 -32.16
C GLY B 115 6.06 0.76 -31.25
N LYS B 116 6.99 -0.13 -30.89
CA LYS B 116 6.69 -1.20 -29.94
C LYS B 116 7.57 -1.14 -28.67
N ILE B 117 6.98 -1.48 -27.53
CA ILE B 117 7.76 -1.54 -26.28
C ILE B 117 8.54 -2.84 -26.25
N VAL B 118 9.86 -2.74 -26.24
CA VAL B 118 10.71 -3.92 -26.30
C VAL B 118 11.51 -4.21 -25.05
N ALA B 119 11.57 -3.26 -24.13
CA ALA B 119 12.26 -3.49 -22.86
C ALA B 119 11.64 -2.62 -21.79
N GLY B 120 11.63 -3.10 -20.55
CA GLY B 120 11.02 -2.34 -19.47
C GLY B 120 11.72 -2.64 -18.17
N VAL B 121 11.94 -1.60 -17.38
CA VAL B 121 12.49 -1.76 -16.03
C VAL B 121 11.64 -0.98 -15.05
N ILE B 122 11.23 -1.64 -13.98
CA ILE B 122 10.54 -0.93 -12.91
C ILE B 122 11.30 -1.24 -11.63
N TYR B 123 11.67 -0.19 -10.91
CA TYR B 123 12.48 -0.39 -9.72
C TYR B 123 11.91 0.34 -8.51
N ASN B 124 11.57 -0.42 -7.49
CA ASN B 124 11.17 0.11 -6.17
C ASN B 124 12.39 0.12 -5.28
N PRO B 125 12.97 1.30 -5.06
CA PRO B 125 14.25 1.34 -4.39
C PRO B 125 14.13 1.20 -2.87
N ILE B 126 12.95 1.42 -2.32
CA ILE B 126 12.69 1.19 -0.89
C ILE B 126 12.82 -0.27 -0.52
N ASN B 127 12.20 -1.14 -1.29
CA ASN B 127 12.25 -2.58 -0.99
C ASN B 127 13.25 -3.30 -1.87
N ASP B 128 13.99 -2.54 -2.68
CA ASP B 128 14.99 -3.10 -3.61
C ASP B 128 14.35 -4.19 -4.48
N GLU B 129 13.24 -3.84 -5.12
CA GLU B 129 12.53 -4.75 -5.99
C GLU B 129 12.71 -4.30 -7.42
N LEU B 130 13.36 -5.16 -8.22
CA LEU B 130 13.73 -4.84 -9.59
C LEU B 130 12.93 -5.76 -10.52
N PHE B 131 12.07 -5.17 -11.33
CA PHE B 131 11.24 -5.94 -12.26
C PHE B 131 11.73 -5.60 -13.66
N THR B 132 11.99 -6.64 -14.46
CA THR B 132 12.53 -6.40 -15.81
C THR B 132 11.89 -7.31 -16.83
N ALA B 133 11.80 -6.84 -18.07
CA ALA B 133 11.30 -7.66 -19.16
C ALA B 133 11.83 -7.09 -20.46
N GLU B 134 12.13 -8.00 -21.39
CA GLU B 134 12.36 -7.64 -22.80
C GLU B 134 11.37 -8.40 -23.65
N ARG B 135 11.02 -7.83 -24.81
CA ARG B 135 10.06 -8.49 -25.70
C ARG B 135 10.58 -9.91 -26.00
N GLY B 136 9.76 -10.91 -25.69
CA GLY B 136 10.16 -12.33 -25.83
C GLY B 136 11.08 -12.99 -24.79
N SER B 137 11.34 -12.32 -23.68
CA SER B 137 12.33 -12.78 -22.68
C SER B 137 11.65 -13.33 -21.44
N GLY B 138 10.41 -12.90 -21.21
CA GLY B 138 9.70 -13.21 -19.98
C GLY B 138 9.96 -12.11 -18.97
N ALA B 139 9.24 -12.16 -17.86
CA ALA B 139 9.37 -11.10 -16.81
C ALA B 139 10.26 -11.67 -15.72
N PHE B 140 11.04 -10.81 -15.08
CA PHE B 140 11.93 -11.19 -13.99
C PHE B 140 11.71 -10.30 -12.78
N PHE B 141 11.80 -10.92 -11.61
CA PHE B 141 11.82 -10.17 -10.38
C PHE B 141 13.15 -10.48 -9.69
N ASN B 142 13.97 -9.45 -9.47
CA ASN B 142 15.31 -9.65 -8.89
C ASN B 142 16.05 -10.83 -9.49
N ASP B 143 16.13 -10.86 -10.82
CA ASP B 143 16.88 -11.89 -11.55
C ASP B 143 16.31 -13.31 -11.53
N ARG B 144 15.07 -13.47 -11.06
CA ARG B 144 14.40 -14.79 -11.08
C ARG B 144 13.15 -14.61 -11.92
N ARG B 145 12.79 -15.61 -12.72
CA ARG B 145 11.55 -15.48 -13.51
C ARG B 145 10.37 -15.29 -12.60
N CYS B 146 9.41 -14.50 -13.06
CA CYS B 146 8.15 -14.35 -12.33
C CYS B 146 7.01 -14.41 -13.34
N ARG B 147 5.81 -14.73 -12.85
CA ARG B 147 4.65 -14.86 -13.71
CA ARG B 147 4.67 -14.77 -13.74
C ARG B 147 3.42 -14.30 -13.01
N VAL B 148 2.39 -14.03 -13.80
CA VAL B 148 1.12 -13.60 -13.24
C VAL B 148 0.54 -14.71 -12.40
N SER B 149 -0.36 -14.34 -11.49
CA SER B 149 -1.02 -15.36 -10.70
C SER B 149 -1.85 -16.31 -11.58
N ALA B 150 -2.14 -17.47 -11.04
CA ALA B 150 -2.93 -18.49 -11.72
C ALA B 150 -4.38 -18.56 -11.21
N ARG B 151 -4.80 -17.55 -10.45
CA ARG B 151 -6.17 -17.58 -9.89
C ARG B 151 -7.19 -17.48 -11.00
N ARG B 152 -8.33 -18.15 -10.81
CA ARG B 152 -9.34 -18.16 -11.84
C ARG B 152 -10.65 -17.56 -11.36
N ARG B 153 -10.83 -17.46 -10.05
CA ARG B 153 -12.09 -16.93 -9.52
C ARG B 153 -11.83 -15.61 -8.84
N LEU B 154 -12.67 -14.62 -9.13
CA LEU B 154 -12.56 -13.31 -8.50
C LEU B 154 -12.64 -13.35 -6.98
N GLU B 155 -13.41 -14.28 -6.42
CA GLU B 155 -13.56 -14.38 -4.95
C GLU B 155 -12.23 -14.70 -4.23
N ASP B 156 -11.26 -15.22 -4.95
CA ASP B 156 -9.93 -15.50 -4.39
C ASP B 156 -8.93 -14.35 -4.61
N CYS B 157 -9.36 -13.32 -5.34
CA CYS B 157 -8.41 -12.33 -5.87
C CYS B 157 -8.25 -11.06 -5.06
N VAL B 158 -7.08 -10.47 -5.16
CA VAL B 158 -6.86 -9.11 -4.75
C VAL B 158 -6.63 -8.26 -6.00
N ILE B 159 -7.43 -7.21 -6.15
CA ILE B 159 -7.39 -6.39 -7.36
C ILE B 159 -6.96 -5.00 -6.98
N ALA B 160 -5.95 -4.49 -7.70
CA ALA B 160 -5.47 -3.15 -7.48
C ALA B 160 -6.17 -2.19 -8.41
N THR B 161 -6.18 -0.94 -8.01
CA THR B 161 -6.94 0.04 -8.75
C THR B 161 -6.31 1.40 -8.61
N GLY B 162 -6.61 2.28 -9.56
CA GLY B 162 -6.24 3.67 -9.41
C GLY B 162 -7.52 4.48 -9.38
N MET B 163 -7.58 5.50 -8.54
CA MET B 163 -8.80 6.31 -8.39
C MET B 163 -8.63 7.73 -8.89
N PRO B 164 -9.69 8.28 -9.51
CA PRO B 164 -9.58 9.71 -9.73
C PRO B 164 -9.70 10.36 -8.35
N HIS B 165 -9.18 11.56 -8.20
CA HIS B 165 -9.44 12.34 -7.01
C HIS B 165 -9.72 13.76 -7.50
N LEU B 166 -9.62 14.71 -6.58
CA LEU B 166 -9.88 16.15 -6.79
C LEU B 166 -10.06 16.66 -8.24
N PRO B 169 -12.92 14.21 -12.79
CA PRO B 169 -13.37 13.51 -14.00
C PRO B 169 -13.55 11.99 -13.92
N GLY B 170 -14.78 11.55 -14.14
CA GLY B 170 -15.11 10.14 -14.13
C GLY B 170 -15.34 9.51 -12.76
N HIS B 171 -15.56 10.32 -11.72
CA HIS B 171 -15.78 9.75 -10.36
C HIS B 171 -17.00 8.85 -10.30
N GLY B 172 -18.10 9.25 -10.95
CA GLY B 172 -19.32 8.45 -10.93
C GLY B 172 -19.12 7.11 -11.59
N THR B 173 -18.55 7.12 -12.80
CA THR B 173 -18.26 5.88 -13.53
C THR B 173 -17.30 5.01 -12.73
N TYR B 174 -16.28 5.65 -12.18
CA TYR B 174 -15.34 4.89 -11.35
C TYR B 174 -16.04 4.15 -10.21
N LEU B 175 -16.95 4.85 -9.53
CA LEU B 175 -17.65 4.25 -8.39
C LEU B 175 -18.56 3.08 -8.78
N ILE B 176 -19.12 3.12 -9.99
CA ILE B 176 -19.83 1.93 -10.51
C ILE B 176 -18.86 0.76 -10.66
N GLU B 177 -17.72 1.03 -11.29
CA GLU B 177 -16.74 -0.02 -11.52
C GLU B 177 -16.31 -0.62 -10.16
N LEU B 178 -15.98 0.26 -9.22
CA LEU B 178 -15.52 -0.19 -7.92
C LEU B 178 -16.57 -1.04 -7.21
N ARG B 179 -17.84 -0.59 -7.21
CA ARG B 179 -18.96 -1.37 -6.66
CA ARG B 179 -18.96 -1.36 -6.66
C ARG B 179 -18.98 -2.79 -7.20
N ASN B 180 -18.88 -2.93 -8.52
CA ASN B 180 -18.96 -4.24 -9.17
C ASN B 180 -17.83 -5.18 -8.79
N VAL B 181 -16.62 -4.63 -8.76
CA VAL B 181 -15.44 -5.42 -8.42
C VAL B 181 -15.43 -5.74 -6.90
N MET B 182 -15.68 -4.73 -6.06
CA MET B 182 -15.70 -4.92 -4.58
C MET B 182 -16.61 -6.02 -4.13
N ALA B 183 -17.73 -6.19 -4.81
CA ALA B 183 -18.70 -7.21 -4.42
C ALA B 183 -18.21 -8.63 -4.64
N GLU B 184 -17.14 -8.79 -5.44
CA GLU B 184 -16.76 -10.12 -5.94
C GLU B 184 -15.39 -10.62 -5.48
N VAL B 185 -14.56 -9.75 -4.90
CA VAL B 185 -13.15 -10.11 -4.65
C VAL B 185 -12.77 -10.25 -3.17
N SER B 186 -11.62 -10.86 -2.86
CA SER B 186 -11.09 -10.91 -1.51
C SER B 186 -10.46 -9.57 -1.08
N GLY B 187 -10.13 -8.72 -2.02
CA GLY B 187 -9.60 -7.44 -1.61
C GLY B 187 -9.44 -6.47 -2.74
N ILE B 188 -9.58 -5.19 -2.43
CA ILE B 188 -9.20 -4.12 -3.34
C ILE B 188 -7.99 -3.39 -2.72
N ARG B 189 -7.03 -2.99 -3.54
CA ARG B 189 -5.91 -2.17 -3.07
C ARG B 189 -5.73 -0.93 -3.92
N ARG B 190 -5.29 0.15 -3.29
CA ARG B 190 -5.03 1.39 -4.01
C ARG B 190 -3.74 1.90 -3.37
N PHE B 191 -2.63 1.55 -3.99
CA PHE B 191 -1.33 1.84 -3.37
C PHE B 191 -0.81 3.24 -3.72
N GLY B 192 -1.21 3.76 -4.87
CA GLY B 192 -0.81 5.14 -5.25
C GLY B 192 0.26 5.17 -6.32
N THR B 193 0.48 4.04 -6.96
N THR B 193 0.50 4.02 -6.99
CA THR B 193 1.42 4.01 -8.04
CA THR B 193 1.64 3.82 -7.95
C THR B 193 0.62 3.52 -9.21
C THR B 193 1.39 2.96 -9.20
N ALA B 194 1.24 3.57 -10.37
CA ALA B 194 0.76 2.91 -11.59
C ALA B 194 1.78 1.87 -12.08
N ALA B 195 3.01 2.30 -12.34
CA ALA B 195 4.02 1.37 -12.85
C ALA B 195 4.22 0.23 -11.88
N LEU B 196 4.30 0.53 -10.59
CA LEU B 196 4.61 -0.51 -9.62
C LEU B 196 3.43 -1.46 -9.49
N ASP B 197 2.19 -0.94 -9.67
CA ASP B 197 1.01 -1.80 -9.63
C ASP B 197 1.05 -2.80 -10.77
N LEU B 198 1.48 -2.36 -11.95
CA LEU B 198 1.60 -3.27 -13.05
C LEU B 198 2.68 -4.31 -12.83
N ALA B 199 3.80 -3.88 -12.26
CA ALA B 199 4.83 -4.83 -11.86
C ALA B 199 4.30 -5.86 -10.87
N TYR B 200 3.50 -5.42 -9.89
CA TYR B 200 2.93 -6.34 -8.93
C TYR B 200 1.99 -7.38 -9.59
N VAL B 201 1.25 -6.95 -10.62
CA VAL B 201 0.46 -7.93 -11.38
C VAL B 201 1.38 -8.95 -12.11
N ALA B 202 2.43 -8.43 -12.73
CA ALA B 202 3.36 -9.27 -13.50
C ALA B 202 4.06 -10.25 -12.59
N ALA B 203 4.24 -9.88 -11.32
CA ALA B 203 4.95 -10.76 -10.40
C ALA B 203 3.99 -11.67 -9.60
N GLY B 204 2.70 -11.51 -9.87
CA GLY B 204 1.70 -12.34 -9.21
C GLY B 204 1.36 -11.88 -7.81
N ARG B 205 1.74 -10.67 -7.44
CA ARG B 205 1.43 -10.17 -6.09
C ARG B 205 0.00 -9.68 -6.00
N THR B 206 -0.52 -9.10 -7.08
CA THR B 206 -1.94 -8.83 -7.13
C THR B 206 -2.45 -9.59 -8.33
N ASP B 207 -3.75 -9.74 -8.44
CA ASP B 207 -4.32 -10.60 -9.46
C ASP B 207 -4.81 -9.82 -10.65
N GLY B 208 -4.87 -8.51 -10.50
CA GLY B 208 -5.31 -7.66 -11.59
C GLY B 208 -5.23 -6.21 -11.22
N PHE B 209 -5.45 -5.34 -12.20
CA PHE B 209 -5.34 -3.91 -12.01
C PHE B 209 -6.22 -3.26 -13.06
N TRP B 210 -6.92 -2.19 -12.69
CA TRP B 210 -7.50 -1.30 -13.72
C TRP B 210 -7.35 0.16 -13.30
N GLU B 211 -7.24 1.06 -14.27
CA GLU B 211 -7.16 2.51 -14.01
C GLU B 211 -7.37 3.26 -15.30
N ASP B 212 -7.77 4.52 -15.15
CA ASP B 212 -8.02 5.47 -16.24
C ASP B 212 -7.08 6.67 -16.12
N ASN B 213 -6.99 7.46 -17.18
CA ASN B 213 -6.27 8.73 -17.18
C ASN B 213 -4.78 8.54 -16.90
N LEU B 214 -4.18 7.52 -17.52
CA LEU B 214 -2.75 7.25 -17.32
C LEU B 214 -1.92 7.64 -18.55
N GLN B 215 -0.70 8.11 -18.30
CA GLN B 215 0.18 8.57 -19.38
C GLN B 215 1.05 7.41 -19.87
N ILE B 216 1.67 7.59 -21.03
CA ILE B 216 2.52 6.59 -21.64
C ILE B 216 3.65 6.17 -20.69
N TRP B 217 4.23 7.12 -19.95
CA TRP B 217 5.31 6.75 -19.03
C TRP B 217 4.85 5.99 -17.81
N ASP B 218 3.58 6.16 -17.43
CA ASP B 218 3.03 5.39 -16.29
C ASP B 218 2.97 3.92 -16.64
N MET B 219 2.69 3.62 -17.91
CA MET B 219 2.28 2.26 -18.26
C MET B 219 3.23 1.48 -19.15
N ALA B 220 4.14 2.13 -19.88
CA ALA B 220 4.82 1.42 -20.96
C ALA B 220 5.62 0.20 -20.49
N ALA B 221 6.40 0.38 -19.44
CA ALA B 221 7.24 -0.71 -18.92
C ALA B 221 6.34 -1.77 -18.33
N GLY B 222 5.32 -1.33 -17.60
CA GLY B 222 4.43 -2.29 -16.91
C GLY B 222 3.57 -3.12 -17.86
N ILE B 223 3.14 -2.54 -18.99
CA ILE B 223 2.38 -3.32 -20.00
C ILE B 223 3.20 -4.48 -20.51
N LEU B 224 4.45 -4.17 -20.88
CA LEU B 224 5.33 -5.22 -21.38
C LEU B 224 5.55 -6.29 -20.30
N MET B 225 5.75 -5.84 -19.07
CA MET B 225 6.03 -6.74 -17.93
CA MET B 225 6.03 -6.79 -17.99
C MET B 225 4.93 -7.79 -17.79
N VAL B 226 3.68 -7.30 -17.73
CA VAL B 226 2.54 -8.18 -17.55
C VAL B 226 2.39 -9.17 -18.71
N ARG B 227 2.57 -8.68 -19.92
CA ARG B 227 2.46 -9.54 -21.10
C ARG B 227 3.56 -10.62 -21.13
N GLU B 228 4.79 -10.21 -20.84
CA GLU B 228 5.91 -11.15 -20.78
C GLU B 228 5.75 -12.17 -19.65
N ALA B 229 5.03 -11.77 -18.59
CA ALA B 229 4.74 -12.61 -17.43
C ALA B 229 3.58 -13.58 -17.64
N GLY B 230 3.09 -13.68 -18.89
CA GLY B 230 2.04 -14.63 -19.22
C GLY B 230 0.64 -14.08 -19.00
N GLY B 231 0.54 -12.77 -18.78
CA GLY B 231 -0.75 -12.11 -18.56
C GLY B 231 -1.20 -11.31 -19.76
N PHE B 232 -2.32 -10.62 -19.58
CA PHE B 232 -2.93 -9.89 -20.69
C PHE B 232 -3.24 -8.47 -20.26
N VAL B 233 -3.09 -7.55 -21.21
CA VAL B 233 -3.37 -6.14 -20.95
C VAL B 233 -4.21 -5.62 -22.11
N THR B 234 -5.34 -5.00 -21.79
CA THR B 234 -6.21 -4.39 -22.79
C THR B 234 -6.52 -2.96 -22.31
N ASP B 235 -7.08 -2.13 -23.18
CA ASP B 235 -7.70 -0.90 -22.67
C ASP B 235 -8.98 -1.34 -21.94
N LYS B 236 -9.69 -0.41 -21.33
CA LYS B 236 -10.91 -0.76 -20.58
C LYS B 236 -12.05 -1.38 -21.38
N GLU B 237 -12.00 -1.25 -22.71
CA GLU B 237 -12.99 -1.83 -23.60
C GLU B 237 -12.59 -3.19 -24.15
N GLY B 238 -11.43 -3.70 -23.73
CA GLY B 238 -10.98 -5.01 -24.21
C GLY B 238 -10.13 -4.94 -25.46
N GLY B 239 -9.89 -3.71 -25.95
CA GLY B 239 -9.14 -3.50 -27.18
C GLY B 239 -7.67 -3.27 -26.89
N ASN B 240 -6.91 -2.92 -27.92
CA ASN B 240 -5.48 -2.64 -27.74
C ASN B 240 -5.12 -1.19 -28.02
N ASP B 241 -6.02 -0.27 -27.67
CA ASP B 241 -5.79 1.16 -27.84
C ASP B 241 -5.42 1.84 -26.50
N ILE B 242 -4.54 1.20 -25.74
CA ILE B 242 -4.16 1.66 -24.42
C ILE B 242 -3.55 3.08 -24.34
N PHE B 243 -2.60 3.40 -25.21
CA PHE B 243 -1.94 4.70 -25.09
C PHE B 243 -2.84 5.86 -25.48
N ARG B 244 -3.69 5.65 -26.48
CA ARG B 244 -4.67 6.65 -26.88
C ARG B 244 -5.84 6.82 -25.89
N LYS B 245 -6.45 5.70 -25.48
CA LYS B 245 -7.52 5.73 -24.47
C LYS B 245 -7.04 6.06 -23.06
N LYS B 246 -5.74 5.86 -22.80
CA LYS B 246 -5.11 6.15 -21.49
C LYS B 246 -5.73 5.36 -20.33
N ASN B 247 -6.33 4.21 -20.66
CA ASN B 247 -6.85 3.34 -19.62
C ASN B 247 -6.41 1.89 -19.84
N ILE B 248 -6.59 1.05 -18.82
CA ILE B 248 -5.97 -0.26 -18.81
C ILE B 248 -6.71 -1.24 -17.88
N ILE B 249 -6.72 -2.50 -18.29
CA ILE B 249 -7.09 -3.62 -17.45
C ILE B 249 -5.98 -4.65 -17.64
N ALA B 250 -5.44 -5.18 -16.55
CA ALA B 250 -4.32 -6.11 -16.63
C ALA B 250 -4.56 -7.27 -15.67
N GLY B 251 -4.20 -8.47 -16.11
CA GLY B 251 -4.29 -9.66 -15.25
C GLY B 251 -4.05 -10.88 -16.08
N ASN B 252 -4.09 -12.05 -15.44
CA ASN B 252 -4.03 -13.30 -16.22
C ASN B 252 -5.27 -13.39 -17.13
N GLU B 253 -5.27 -14.32 -18.09
CA GLU B 253 -6.32 -14.34 -19.12
C GLU B 253 -7.72 -14.42 -18.49
N HIS B 254 -7.85 -15.25 -17.46
CA HIS B 254 -9.14 -15.46 -16.78
C HIS B 254 -9.62 -14.26 -15.98
N ILE B 255 -8.72 -13.73 -15.17
CA ILE B 255 -9.08 -12.58 -14.34
C ILE B 255 -9.29 -11.31 -15.18
N ARG B 256 -8.48 -11.09 -16.22
CA ARG B 256 -8.65 -9.89 -17.03
C ARG B 256 -10.05 -9.85 -17.66
N ILE B 257 -10.49 -10.98 -18.20
CA ILE B 257 -11.82 -10.99 -18.82
C ILE B 257 -12.93 -10.81 -17.76
N LYS B 258 -12.79 -11.45 -16.61
CA LYS B 258 -13.78 -11.31 -15.55
C LYS B 258 -13.82 -9.87 -15.04
N LEU B 259 -12.66 -9.21 -14.99
CA LEU B 259 -12.61 -7.78 -14.62
C LEU B 259 -13.29 -6.91 -15.65
N GLU B 260 -12.96 -7.14 -16.92
CA GLU B 260 -13.58 -6.40 -17.97
C GLU B 260 -15.12 -6.51 -17.87
N ARG B 261 -15.64 -7.70 -17.63
CA ARG B 261 -17.09 -7.92 -17.48
C ARG B 261 -17.66 -7.16 -16.27
N ALA B 262 -16.99 -7.30 -15.11
CA ALA B 262 -17.39 -6.61 -13.88
C ALA B 262 -17.39 -5.09 -14.07
N LEU B 263 -16.34 -4.56 -14.71
CA LEU B 263 -16.24 -3.13 -14.98
C LEU B 263 -17.35 -2.52 -15.84
N LYS B 264 -17.93 -3.33 -16.73
CA LYS B 264 -18.96 -2.82 -17.65
C LYS B 264 -20.40 -2.97 -17.13
N LYS B 265 -20.61 -3.74 -16.07
CA LYS B 265 -21.97 -3.98 -15.54
C LYS B 265 -22.66 -2.69 -15.08
N GLY B 266 -23.82 -2.37 -15.65
CA GLY B 266 -24.56 -1.18 -15.21
C GLY B 266 -24.13 0.13 -15.85
N ILE B 267 -23.01 0.12 -16.58
CA ILE B 267 -22.60 1.29 -17.36
C ILE B 267 -23.59 1.53 -18.50
MG MG C . -4.17 -10.37 12.10
MG MG D . 6.27 10.38 -12.06
MG MG E . 1.19 11.35 -13.86
#